data_3D9L
#
_entry.id   3D9L
#
_cell.length_a   56.296
_cell.length_b   56.296
_cell.length_c   106.739
_cell.angle_alpha   90.00
_cell.angle_beta   90.00
_cell.angle_gamma   90.00
#
_symmetry.space_group_name_H-M   'P 43'
#
loop_
_entity.id
_entity.type
_entity.pdbx_description
1 polymer 'RNA-binding protein 16'
2 polymer CTD-PEPTIDE
3 non-polymer 'ACETATE ION'
4 non-polymer GLYCEROL
5 water water
#
loop_
_entity_poly.entity_id
_entity_poly.type
_entity_poly.pdbx_seq_one_letter_code
_entity_poly.pdbx_strand_id
1 'polypeptide(L)'
;MEAVKTFNSELYSLNDYKPPISKAKMTQITKAAIKAIKFYKHVVQSVEKFIQKCKPEYKVPGLYVIDSIVRQSRHQFGQE
KDVFAPRFSNNIISTFQNLYRCPGDDKSKIVRVLNLWQKNNVFKSEIIQPLLDMAAALEHHHHHH
;
A,B
2 'polypeptide(L)' (BTN)Y(SEP)PTSPSY(SEP)PTSPS Y,Z
#
loop_
_chem_comp.id
_chem_comp.type
_chem_comp.name
_chem_comp.formula
ACT non-polymer 'ACETATE ION' 'C2 H3 O2 -1'
BTN non-polymer BIOTIN 'C10 H16 N2 O3 S'
GOL non-polymer GLYCEROL 'C3 H8 O3'
#
# COMPACT_ATOMS: atom_id res chain seq x y z
N GLU A 2 19.65 11.12 3.59
CA GLU A 2 19.49 9.63 3.63
C GLU A 2 18.25 9.22 4.44
N ALA A 3 18.02 9.89 5.56
CA ALA A 3 16.71 9.81 6.22
C ALA A 3 15.71 10.47 5.27
N VAL A 4 16.17 11.51 4.58
CA VAL A 4 15.35 12.30 3.66
C VAL A 4 15.15 11.54 2.36
N LYS A 5 16.20 10.89 1.87
CA LYS A 5 16.12 10.02 0.70
C LYS A 5 15.05 8.96 0.92
N THR A 6 15.08 8.31 2.08
CA THR A 6 14.11 7.27 2.40
C THR A 6 12.68 7.84 2.38
N PHE A 7 12.47 8.95 3.09
CA PHE A 7 11.17 9.58 3.10
C PHE A 7 10.70 9.92 1.69
N ASN A 8 11.59 10.57 0.92
CA ASN A 8 11.33 10.88 -0.47
C ASN A 8 10.91 9.67 -1.26
N SER A 9 11.57 8.54 -1.02
CA SER A 9 11.25 7.28 -1.69
C SER A 9 9.89 6.72 -1.28
N GLU A 10 9.53 6.81 0.00
CA GLU A 10 8.20 6.38 0.45
C GLU A 10 7.11 7.30 -0.11
N LEU A 11 7.38 8.61 -0.06
CA LEU A 11 6.41 9.58 -0.51
C LEU A 11 6.09 9.39 -1.98
N TYR A 12 7.12 9.35 -2.82
CA TYR A 12 6.93 9.29 -4.26
C TYR A 12 6.48 7.92 -4.77
N SER A 13 6.60 6.88 -3.96
CA SER A 13 6.06 5.56 -4.32
C SER A 13 4.52 5.58 -4.30
N LEU A 14 3.90 6.65 -3.80
CA LEU A 14 2.45 6.80 -3.97
C LEU A 14 2.01 6.64 -5.42
N ASN A 15 2.86 7.07 -6.35
CA ASN A 15 2.61 6.96 -7.76
C ASN A 15 2.47 5.53 -8.26
N ASP A 16 2.80 4.55 -7.40
CA ASP A 16 2.60 3.12 -7.74
C ASP A 16 1.17 2.65 -7.47
N TYR A 17 0.38 3.45 -6.76
CA TYR A 17 -0.88 2.98 -6.19
C TYR A 17 -2.09 3.78 -6.66
N LYS A 18 -3.19 3.09 -6.92
CA LYS A 18 -4.46 3.76 -7.17
C LYS A 18 -5.07 4.14 -5.81
N PRO A 19 -5.32 5.45 -5.57
CA PRO A 19 -6.06 5.81 -4.36
C PRO A 19 -7.46 5.20 -4.35
N PRO A 20 -8.02 4.90 -3.16
CA PRO A 20 -7.48 5.21 -1.82
C PRO A 20 -6.19 4.47 -1.48
N ILE A 21 -5.31 5.18 -0.80
CA ILE A 21 -4.04 4.65 -0.30
C ILE A 21 -4.27 3.93 1.03
N SER A 22 -3.59 2.79 1.22
CA SER A 22 -3.73 1.96 2.41
C SER A 22 -3.20 2.68 3.65
N LYS A 23 -3.76 2.31 4.80
CA LYS A 23 -3.29 2.79 6.10
C LYS A 23 -1.81 2.47 6.27
N ALA A 24 -1.41 1.25 5.90
CA ALA A 24 -0.04 0.80 5.99
C ALA A 24 0.95 1.70 5.25
N LYS A 25 0.64 2.06 4.01
CA LYS A 25 1.50 2.94 3.23
C LYS A 25 1.63 4.33 3.86
N MET A 26 0.51 4.90 4.29
CA MET A 26 0.53 6.19 4.99
C MET A 26 1.36 6.15 6.29
N THR A 27 1.21 5.07 7.04
CA THR A 27 1.99 4.82 8.26
C THR A 27 3.49 4.71 7.94
N GLN A 28 3.83 4.04 6.84
CA GLN A 28 5.22 3.95 6.37
C GLN A 28 5.84 5.30 6.04
N ILE A 29 5.09 6.10 5.27
CA ILE A 29 5.48 7.46 4.94
C ILE A 29 5.68 8.34 6.20
N THR A 30 4.75 8.20 7.16
CA THR A 30 4.73 8.92 8.42
C THR A 30 5.93 8.58 9.29
N LYS A 31 6.17 7.27 9.47
CA LYS A 31 7.34 6.76 10.19
C LYS A 31 8.64 7.26 9.55
N ALA A 32 8.72 7.25 8.23
CA ALA A 32 9.89 7.84 7.57
C ALA A 32 10.02 9.35 7.86
N ALA A 33 8.90 10.06 7.94
CA ALA A 33 8.95 11.48 8.27
C ALA A 33 9.37 11.68 9.73
N ILE A 34 8.73 10.94 10.63
CA ILE A 34 8.90 11.10 12.09
C ILE A 34 10.26 10.65 12.52
N LYS A 35 10.83 9.72 11.77
CA LYS A 35 12.19 9.25 11.99
C LYS A 35 13.19 10.24 11.37
N ALA A 36 12.74 10.99 10.37
CA ALA A 36 13.53 12.08 9.76
C ALA A 36 13.26 13.46 10.43
N ILE A 37 12.84 13.45 11.70
CA ILE A 37 12.38 14.69 12.38
C ILE A 37 13.48 15.75 12.54
N LYS A 38 14.72 15.31 12.54
CA LYS A 38 15.88 16.19 12.55
C LYS A 38 15.89 17.07 11.30
N PHE A 39 15.39 16.53 10.19
CA PHE A 39 15.37 17.22 8.90
C PHE A 39 13.95 17.59 8.49
N TYR A 40 13.13 17.95 9.49
CA TYR A 40 11.72 18.25 9.28
C TYR A 40 11.43 19.31 8.20
N LYS A 41 12.36 20.23 8.00
CA LYS A 41 12.22 21.29 6.99
C LYS A 41 12.27 20.73 5.59
N HIS A 42 13.11 19.71 5.39
CA HIS A 42 13.21 19.01 4.11
C HIS A 42 12.01 18.11 3.88
N VAL A 43 11.54 17.46 4.94
CA VAL A 43 10.30 16.65 4.89
C VAL A 43 9.11 17.50 4.44
N VAL A 44 8.92 18.66 5.08
CA VAL A 44 7.83 19.56 4.71
C VAL A 44 8.03 19.98 3.24
N GLN A 45 9.26 20.37 2.89
CA GLN A 45 9.56 20.80 1.53
C GLN A 45 9.20 19.72 0.48
N SER A 46 9.58 18.47 0.74
CA SER A 46 9.26 17.33 -0.12
C SER A 46 7.77 17.07 -0.26
N VAL A 47 7.05 17.11 0.86
CA VAL A 47 5.60 16.98 0.81
C VAL A 47 4.93 18.09 -0.02
N GLU A 48 5.34 19.34 0.19
CA GLU A 48 4.84 20.49 -0.60
C GLU A 48 5.20 20.39 -2.09
N LYS A 49 6.43 19.96 -2.38
CA LYS A 49 6.85 19.73 -3.76
C LYS A 49 5.96 18.66 -4.42
N PHE A 50 5.78 17.53 -3.75
CA PHE A 50 4.90 16.47 -4.22
C PHE A 50 3.49 16.97 -4.53
N ILE A 51 2.92 17.71 -3.59
CA ILE A 51 1.60 18.33 -3.77
C ILE A 51 1.55 19.31 -4.94
N GLN A 52 2.65 20.03 -5.19
CA GLN A 52 2.73 20.93 -6.32
C GLN A 52 2.72 20.18 -7.66
N LYS A 53 3.44 19.05 -7.72
CA LYS A 53 3.70 18.39 -8.99
C LYS A 53 2.77 17.23 -9.31
N CYS A 54 2.22 16.58 -8.28
CA CYS A 54 1.51 15.33 -8.53
C CYS A 54 0.26 15.51 -9.43
N LYS A 55 -0.16 14.41 -10.03
CA LYS A 55 -1.42 14.31 -10.76
C LYS A 55 -2.59 14.59 -9.83
N PRO A 56 -3.73 15.09 -10.37
CA PRO A 56 -4.92 15.43 -9.58
C PRO A 56 -5.37 14.34 -8.58
N GLU A 57 -5.29 13.06 -8.96
CA GLU A 57 -5.72 11.96 -8.08
C GLU A 57 -4.91 11.81 -6.80
N TYR A 58 -3.71 12.38 -6.76
CA TYR A 58 -2.83 12.26 -5.58
C TYR A 58 -2.87 13.45 -4.64
N LYS A 59 -3.70 14.46 -4.95
CA LYS A 59 -3.80 15.66 -4.12
C LYS A 59 -4.33 15.28 -2.74
N VAL A 60 -5.42 14.52 -2.70
CA VAL A 60 -5.97 14.07 -1.40
C VAL A 60 -4.98 13.16 -0.65
N PRO A 61 -4.42 12.11 -1.32
CA PRO A 61 -3.28 11.40 -0.71
C PRO A 61 -2.19 12.30 -0.13
N GLY A 62 -1.77 13.33 -0.87
CA GLY A 62 -0.75 14.26 -0.39
C GLY A 62 -1.19 15.04 0.85
N LEU A 63 -2.44 15.51 0.84
CA LEU A 63 -3.06 16.09 2.06
C LEU A 63 -3.11 15.10 3.24
N TYR A 64 -3.45 13.85 2.99
CA TYR A 64 -3.45 12.82 4.03
C TYR A 64 -2.04 12.56 4.60
N VAL A 65 -1.02 12.77 3.78
CA VAL A 65 0.37 12.71 4.24
C VAL A 65 0.56 13.83 5.25
N ILE A 66 0.14 15.04 4.91
CA ILE A 66 0.29 16.15 5.87
C ILE A 66 -0.48 15.83 7.14
N ASP A 67 -1.75 15.45 7.00
CA ASP A 67 -2.58 15.06 8.17
C ASP A 67 -1.92 14.00 9.05
N SER A 68 -1.49 12.93 8.41
CA SER A 68 -0.93 11.79 9.13
C SER A 68 0.32 12.17 9.91
N ILE A 69 1.22 12.91 9.26
CA ILE A 69 2.47 13.34 9.87
C ILE A 69 2.17 14.26 11.02
N VAL A 70 1.36 15.29 10.81
CA VAL A 70 1.13 16.30 11.86
C VAL A 70 0.37 15.69 13.06
N ARG A 71 -0.64 14.88 12.80
CA ARG A 71 -1.37 14.24 13.92
C ARG A 71 -0.51 13.21 14.68
N GLN A 72 0.32 12.45 13.97
CA GLN A 72 1.19 11.48 14.64
C GLN A 72 2.18 12.21 15.52
N SER A 73 2.80 13.23 14.95
CA SER A 73 3.80 14.05 15.60
C SER A 73 3.27 14.73 16.86
N ARG A 74 2.08 15.32 16.75
CA ARG A 74 1.39 15.93 17.89
C ARG A 74 1.10 14.92 19.00
N HIS A 75 0.71 13.71 18.62
CA HIS A 75 0.46 12.66 19.57
C HIS A 75 1.76 12.13 20.15
N GLN A 76 2.78 11.95 19.30
CA GLN A 76 4.04 11.32 19.73
C GLN A 76 4.89 12.26 20.59
N PHE A 77 4.94 13.53 20.19
CA PHE A 77 5.82 14.52 20.78
C PHE A 77 5.08 15.56 21.61
N GLY A 78 3.76 15.63 21.47
CA GLY A 78 2.96 16.64 22.17
C GLY A 78 2.59 17.80 21.27
N GLN A 79 1.37 18.31 21.44
CA GLN A 79 0.88 19.44 20.63
C GLN A 79 1.82 20.63 20.73
N GLU A 80 2.23 20.92 21.97
CA GLU A 80 3.17 22.01 22.30
C GLU A 80 4.47 21.88 21.49
N LYS A 81 4.91 20.64 21.29
CA LYS A 81 6.28 20.39 20.85
C LYS A 81 6.44 20.01 19.40
N ASP A 82 5.32 19.64 18.76
CA ASP A 82 5.30 19.29 17.34
C ASP A 82 5.88 20.38 16.45
N VAL A 83 6.89 20.02 15.66
CA VAL A 83 7.53 20.93 14.69
C VAL A 83 6.85 20.87 13.31
N PHE A 84 6.03 19.85 13.07
CA PHE A 84 5.46 19.66 11.73
C PHE A 84 4.35 20.65 11.35
N ALA A 85 3.31 20.78 12.17
CA ALA A 85 2.22 21.70 11.88
C ALA A 85 2.68 23.16 11.74
N PRO A 86 3.48 23.69 12.70
CA PRO A 86 4.04 25.04 12.51
C PRO A 86 4.83 25.26 11.21
N ARG A 87 5.68 24.30 10.83
CA ARG A 87 6.44 24.39 9.59
C ARG A 87 5.54 24.29 8.31
N PHE A 88 4.60 23.34 8.33
CA PHE A 88 3.58 23.25 7.27
C PHE A 88 2.74 24.54 7.15
N SER A 89 2.63 25.29 8.25
CA SER A 89 1.81 26.51 8.26
C SER A 89 2.35 27.64 7.41
N ASN A 90 3.67 27.73 7.29
CA ASN A 90 4.32 28.75 6.47
C ASN A 90 3.77 28.88 5.05
N ASN A 91 3.65 27.77 4.34
CA ASN A 91 3.27 27.77 2.93
C ASN A 91 1.87 27.21 2.70
N ILE A 92 1.14 26.98 3.80
CA ILE A 92 -0.09 26.18 3.73
C ILE A 92 -1.16 26.71 2.77
N ILE A 93 -1.24 28.03 2.62
CA ILE A 93 -2.20 28.62 1.70
C ILE A 93 -1.87 28.20 0.27
N SER A 94 -0.62 28.34 -0.12
CA SER A 94 -0.15 27.89 -1.43
C SER A 94 -0.36 26.38 -1.60
N THR A 95 -0.11 25.63 -0.55
CA THR A 95 -0.28 24.16 -0.56
C THR A 95 -1.72 23.77 -0.91
N PHE A 96 -2.67 24.50 -0.32
CA PHE A 96 -4.07 24.26 -0.61
C PHE A 96 -4.49 24.73 -1.98
N GLN A 97 -3.85 25.76 -2.50
CA GLN A 97 -4.11 26.19 -3.87
C GLN A 97 -3.83 25.00 -4.82
N ASN A 98 -2.77 24.26 -4.52
CA ASN A 98 -2.38 23.09 -5.30
C ASN A 98 -3.30 21.91 -5.05
N LEU A 99 -3.66 21.68 -3.77
CA LEU A 99 -4.57 20.60 -3.41
C LEU A 99 -5.90 20.67 -4.15
N TYR A 100 -6.39 21.89 -4.36
CA TYR A 100 -7.69 22.11 -4.98
C TYR A 100 -7.68 21.98 -6.50
N ARG A 101 -6.53 21.68 -7.11
CA ARG A 101 -6.46 21.20 -8.49
C ARG A 101 -6.70 19.69 -8.50
N CYS A 102 -7.79 19.27 -7.88
CA CYS A 102 -8.12 17.86 -7.72
C CYS A 102 -9.46 17.63 -8.39
N PRO A 103 -9.85 16.35 -8.61
CA PRO A 103 -11.20 16.05 -9.09
C PRO A 103 -12.25 16.67 -8.17
N GLY A 104 -13.32 17.22 -8.74
CA GLY A 104 -14.42 17.81 -7.96
C GLY A 104 -14.98 16.89 -6.87
N ASP A 105 -15.06 15.60 -7.19
CA ASP A 105 -15.48 14.57 -6.23
C ASP A 105 -14.59 14.50 -4.98
N ASP A 106 -13.40 15.11 -5.04
CA ASP A 106 -12.39 15.01 -3.99
C ASP A 106 -12.28 16.25 -3.09
N LYS A 107 -12.98 17.33 -3.44
CA LYS A 107 -13.01 18.56 -2.65
C LYS A 107 -13.68 18.36 -1.30
N SER A 108 -14.71 17.51 -1.24
CA SER A 108 -15.39 17.25 0.01
C SER A 108 -14.43 16.61 1.03
N LYS A 109 -13.43 15.89 0.53
CA LYS A 109 -12.44 15.21 1.38
C LYS A 109 -11.46 16.20 1.99
N ILE A 110 -11.03 17.17 1.19
CA ILE A 110 -10.20 18.27 1.65
C ILE A 110 -10.90 19.08 2.76
N VAL A 111 -12.15 19.48 2.53
CA VAL A 111 -12.92 20.25 3.49
C VAL A 111 -13.14 19.46 4.78
N ARG A 112 -13.35 18.15 4.64
CA ARG A 112 -13.51 17.30 5.79
C ARG A 112 -12.27 17.31 6.70
N VAL A 113 -11.07 17.21 6.11
CA VAL A 113 -9.81 17.29 6.87
C VAL A 113 -9.67 18.69 7.54
N LEU A 114 -9.94 19.76 6.79
CA LEU A 114 -9.92 21.11 7.38
C LEU A 114 -10.82 21.22 8.60
N ASN A 115 -12.05 20.72 8.47
CA ASN A 115 -13.02 20.65 9.58
C ASN A 115 -12.48 19.89 10.80
N LEU A 116 -11.84 18.74 10.55
CA LEU A 116 -11.26 17.93 11.61
C LEU A 116 -10.07 18.62 12.29
N TRP A 117 -9.23 19.24 11.48
CA TRP A 117 -8.12 20.08 11.93
C TRP A 117 -8.58 21.22 12.85
N GLN A 118 -9.66 21.90 12.49
CA GLN A 118 -10.25 22.92 13.34
C GLN A 118 -10.79 22.34 14.66
N LYS A 119 -11.54 21.25 14.56
CA LYS A 119 -12.15 20.65 15.76
C LYS A 119 -11.07 20.20 16.73
N ASN A 120 -10.00 19.62 16.19
CA ASN A 120 -8.90 19.10 16.98
C ASN A 120 -7.80 20.10 17.28
N ASN A 121 -8.01 21.35 16.85
CA ASN A 121 -7.06 22.43 17.05
C ASN A 121 -5.64 22.08 16.56
N VAL A 122 -5.61 21.33 15.45
CA VAL A 122 -4.36 20.97 14.78
C VAL A 122 -3.59 22.21 14.32
N PHE A 123 -4.31 23.22 13.83
CA PHE A 123 -3.71 24.47 13.42
C PHE A 123 -4.51 25.54 14.11
N LYS A 124 -3.89 26.66 14.46
CA LYS A 124 -4.64 27.74 15.11
C LYS A 124 -5.60 28.36 14.10
N SER A 125 -6.67 28.98 14.58
CA SER A 125 -7.79 29.39 13.72
C SER A 125 -7.44 30.46 12.69
N GLU A 126 -6.32 31.16 12.92
CA GLU A 126 -5.83 32.15 11.96
C GLU A 126 -5.30 31.47 10.69
N ILE A 127 -4.99 30.18 10.80
CA ILE A 127 -4.60 29.32 9.68
C ILE A 127 -5.84 28.67 9.06
N ILE A 128 -6.57 27.93 9.89
CA ILE A 128 -7.66 27.11 9.43
C ILE A 128 -8.78 27.89 8.74
N GLN A 129 -9.18 29.01 9.32
CA GLN A 129 -10.32 29.75 8.76
C GLN A 129 -10.11 30.22 7.32
N PRO A 130 -8.94 30.85 7.00
CA PRO A 130 -8.64 31.18 5.61
C PRO A 130 -8.72 29.98 4.68
N LEU A 131 -8.22 28.84 5.13
CA LEU A 131 -8.29 27.62 4.33
C LEU A 131 -9.74 27.22 4.13
N LEU A 132 -10.55 27.34 5.19
CA LEU A 132 -11.99 27.05 5.11
C LEU A 132 -12.68 28.05 4.19
N ASP A 133 -12.36 29.33 4.36
CA ASP A 133 -12.81 30.38 3.43
C ASP A 133 -12.50 30.04 1.97
N MET A 134 -11.32 29.47 1.74
CA MET A 134 -10.87 29.14 0.38
C MET A 134 -11.73 28.07 -0.29
N ALA A 135 -12.09 27.04 0.48
CA ALA A 135 -13.01 26.00 0.02
C ALA A 135 -14.39 26.53 -0.33
N ALA A 136 -14.98 27.30 0.59
CA ALA A 136 -16.26 27.98 0.35
C ALA A 136 -16.26 28.77 -0.97
N ALA A 137 -15.16 29.50 -1.22
CA ALA A 137 -15.10 30.39 -2.38
C ALA A 137 -15.06 29.64 -3.72
N LEU A 138 -14.65 28.38 -3.70
CA LEU A 138 -14.50 27.60 -4.94
C LEU A 138 -15.80 27.11 -5.59
N GLU A 139 -16.74 26.63 -4.78
CA GLU A 139 -18.04 26.15 -5.29
C GLU A 139 -18.85 27.29 -5.89
N HIS A 140 -18.62 28.49 -5.37
CA HIS A 140 -19.25 29.71 -5.88
C HIS A 140 -18.84 30.04 -7.31
N HIS A 141 -17.56 29.83 -7.62
CA HIS A 141 -17.02 30.21 -8.94
C HIS A 141 -17.32 29.15 -10.01
N MET B 1 -0.23 2.66 -15.49
CA MET B 1 -1.42 1.88 -15.94
C MET B 1 -2.40 1.73 -14.78
N GLU B 2 -3.63 2.22 -14.96
CA GLU B 2 -4.64 2.21 -13.90
C GLU B 2 -4.84 0.81 -13.32
N ALA B 3 -5.01 -0.17 -14.19
CA ALA B 3 -5.26 -1.54 -13.78
C ALA B 3 -4.14 -2.12 -12.92
N VAL B 4 -2.90 -1.77 -13.26
CA VAL B 4 -1.75 -2.19 -12.46
C VAL B 4 -1.72 -1.49 -11.10
N LYS B 5 -1.98 -0.19 -11.06
CA LYS B 5 -1.95 0.55 -9.79
C LYS B 5 -3.12 0.16 -8.89
N THR B 6 -4.25 -0.19 -9.50
CA THR B 6 -5.36 -0.78 -8.78
C THR B 6 -4.94 -2.11 -8.13
N PHE B 7 -4.30 -2.98 -8.90
CA PHE B 7 -3.72 -4.22 -8.35
C PHE B 7 -2.70 -3.96 -7.24
N ASN B 8 -1.72 -3.10 -7.49
CA ASN B 8 -0.72 -2.75 -6.47
C ASN B 8 -1.37 -2.32 -5.16
N SER B 9 -2.43 -1.50 -5.24
CA SER B 9 -3.21 -1.08 -4.06
C SER B 9 -3.85 -2.26 -3.31
N GLU B 10 -4.50 -3.16 -4.05
CA GLU B 10 -5.12 -4.36 -3.49
C GLU B 10 -4.10 -5.25 -2.80
N LEU B 11 -2.98 -5.50 -3.47
CA LEU B 11 -1.95 -6.36 -2.93
C LEU B 11 -1.27 -5.73 -1.71
N TYR B 12 -0.85 -4.47 -1.81
CA TYR B 12 -0.13 -3.85 -0.71
C TYR B 12 -1.00 -3.68 0.54
N SER B 13 -2.32 -3.52 0.36
CA SER B 13 -3.21 -3.29 1.50
C SER B 13 -3.44 -4.57 2.31
N LEU B 14 -2.87 -5.69 1.85
CA LEU B 14 -2.68 -6.86 2.73
C LEU B 14 -2.04 -6.45 4.06
N ASN B 15 -1.16 -5.45 4.02
CA ASN B 15 -0.51 -4.91 5.23
C ASN B 15 -1.46 -4.18 6.20
N ASP B 16 -2.69 -3.91 5.75
CA ASP B 16 -3.71 -3.32 6.61
C ASP B 16 -4.39 -4.38 7.48
N TYR B 17 -4.15 -5.64 7.19
CA TYR B 17 -4.86 -6.76 7.84
C TYR B 17 -3.90 -7.72 8.52
N LYS B 18 -4.30 -8.24 9.67
CA LYS B 18 -3.55 -9.28 10.35
C LYS B 18 -3.95 -10.63 9.74
N PRO B 19 -2.97 -11.46 9.33
CA PRO B 19 -3.29 -12.79 8.83
C PRO B 19 -3.82 -13.69 9.95
N PRO B 20 -4.59 -14.75 9.61
CA PRO B 20 -4.99 -15.21 8.29
C PRO B 20 -5.81 -14.18 7.53
N ILE B 21 -5.53 -14.07 6.24
CA ILE B 21 -6.26 -13.13 5.37
C ILE B 21 -7.57 -13.76 4.94
N SER B 22 -8.65 -12.98 5.02
CA SER B 22 -9.98 -13.47 4.63
C SER B 22 -10.03 -13.87 3.14
N LYS B 23 -11.01 -14.72 2.81
CA LYS B 23 -11.31 -15.10 1.44
C LYS B 23 -11.80 -13.89 0.64
N ALA B 24 -12.56 -13.01 1.30
CA ALA B 24 -13.13 -11.83 0.65
C ALA B 24 -12.02 -10.91 0.13
N LYS B 25 -11.05 -10.64 0.99
CA LYS B 25 -9.89 -9.84 0.64
C LYS B 25 -9.03 -10.51 -0.44
N MET B 26 -8.84 -11.82 -0.36
CA MET B 26 -8.08 -12.53 -1.40
C MET B 26 -8.77 -12.43 -2.75
N THR B 27 -10.10 -12.50 -2.77
CA THR B 27 -10.91 -12.36 -3.97
C THR B 27 -10.76 -10.97 -4.61
N GLN B 28 -10.65 -9.94 -3.77
CA GLN B 28 -10.47 -8.56 -4.19
C GLN B 28 -9.14 -8.41 -4.93
N ILE B 29 -8.07 -8.89 -4.32
CA ILE B 29 -6.75 -8.91 -4.94
C ILE B 29 -6.78 -9.67 -6.27
N THR B 30 -7.44 -10.81 -6.28
CA THR B 30 -7.53 -11.66 -7.47
C THR B 30 -8.33 -11.03 -8.59
N LYS B 31 -9.47 -10.40 -8.26
CA LYS B 31 -10.26 -9.69 -9.26
C LYS B 31 -9.44 -8.57 -9.93
N ALA B 32 -8.68 -7.82 -9.12
CA ALA B 32 -7.77 -6.78 -9.62
C ALA B 32 -6.69 -7.34 -10.57
N ALA B 33 -6.10 -8.49 -10.22
CA ALA B 33 -5.11 -9.14 -11.10
C ALA B 33 -5.69 -9.54 -12.45
N ILE B 34 -6.87 -10.14 -12.43
CA ILE B 34 -7.54 -10.62 -13.64
C ILE B 34 -7.93 -9.42 -14.52
N LYS B 35 -8.40 -8.35 -13.89
CA LYS B 35 -8.73 -7.14 -14.63
C LYS B 35 -7.50 -6.53 -15.26
N ALA B 36 -6.34 -6.79 -14.65
CA ALA B 36 -5.07 -6.31 -15.17
C ALA B 36 -4.38 -7.30 -16.12
N ILE B 37 -5.13 -8.26 -16.68
CA ILE B 37 -4.60 -9.34 -17.55
C ILE B 37 -3.68 -8.92 -18.72
N LYS B 38 -3.96 -7.80 -19.36
CA LYS B 38 -3.08 -7.30 -20.44
C LYS B 38 -1.69 -7.02 -19.86
N PHE B 39 -1.68 -6.59 -18.60
CA PHE B 39 -0.45 -6.26 -17.91
C PHE B 39 -0.03 -7.37 -16.94
N TYR B 40 -0.27 -8.63 -17.30
CA TYR B 40 0.04 -9.76 -16.41
C TYR B 40 1.50 -9.81 -16.00
N LYS B 41 2.40 -9.35 -16.87
CA LYS B 41 3.83 -9.32 -16.54
C LYS B 41 4.15 -8.38 -15.37
N HIS B 42 3.41 -7.27 -15.29
CA HIS B 42 3.51 -6.30 -14.19
C HIS B 42 2.88 -6.82 -12.88
N VAL B 43 1.70 -7.42 -12.99
CA VAL B 43 1.05 -8.11 -11.84
C VAL B 43 2.02 -9.10 -11.20
N VAL B 44 2.66 -9.93 -12.03
CA VAL B 44 3.60 -10.96 -11.53
C VAL B 44 4.79 -10.30 -10.82
N GLN B 45 5.33 -9.25 -11.44
CA GLN B 45 6.43 -8.50 -10.86
C GLN B 45 6.04 -7.92 -9.52
N SER B 46 4.86 -7.31 -9.45
CA SER B 46 4.36 -6.76 -8.20
C SER B 46 4.21 -7.81 -7.14
N VAL B 47 3.70 -8.99 -7.50
CA VAL B 47 3.52 -10.05 -6.47
C VAL B 47 4.90 -10.48 -5.97
N GLU B 48 5.83 -10.61 -6.90
CA GLU B 48 7.20 -11.02 -6.55
C GLU B 48 7.95 -10.02 -5.65
N LYS B 49 7.78 -8.73 -5.89
CA LYS B 49 8.37 -7.66 -5.05
C LYS B 49 7.74 -7.63 -3.67
N PHE B 50 6.42 -7.85 -3.61
CA PHE B 50 5.73 -7.97 -2.34
C PHE B 50 6.32 -9.11 -1.49
N ILE B 51 6.45 -10.29 -2.09
CA ILE B 51 7.02 -11.47 -1.42
C ILE B 51 8.50 -11.25 -1.04
N GLN B 52 9.20 -10.40 -1.80
CA GLN B 52 10.58 -10.06 -1.50
C GLN B 52 10.66 -9.05 -0.37
N LYS B 53 9.75 -8.09 -0.34
CA LYS B 53 9.86 -6.99 0.62
C LYS B 53 8.99 -7.11 1.88
N CYS B 54 8.03 -8.03 1.89
CA CYS B 54 7.05 -8.07 2.98
C CYS B 54 7.59 -8.64 4.28
N LYS B 55 6.88 -8.37 5.37
CA LYS B 55 7.17 -8.94 6.67
C LYS B 55 7.00 -10.48 6.64
N PRO B 56 7.74 -11.23 7.48
CA PRO B 56 7.68 -12.70 7.48
C PRO B 56 6.25 -13.29 7.55
N GLU B 57 5.34 -12.60 8.24
CA GLU B 57 3.99 -13.10 8.43
C GLU B 57 3.13 -12.92 7.18
N TYR B 58 3.67 -12.24 6.17
CA TYR B 58 2.93 -12.00 4.96
C TYR B 58 3.45 -12.86 3.81
N LYS B 59 4.43 -13.73 4.09
CA LYS B 59 4.95 -14.66 3.07
C LYS B 59 3.86 -15.62 2.60
N VAL B 60 3.21 -16.28 3.55
CA VAL B 60 2.12 -17.21 3.22
C VAL B 60 0.93 -16.51 2.50
N PRO B 61 0.40 -15.39 3.05
CA PRO B 61 -0.57 -14.61 2.24
C PRO B 61 -0.08 -14.28 0.80
N GLY B 62 1.19 -13.92 0.66
CA GLY B 62 1.79 -13.71 -0.66
C GLY B 62 1.79 -14.95 -1.54
N LEU B 63 2.07 -16.11 -0.97
CA LEU B 63 1.91 -17.36 -1.71
C LEU B 63 0.45 -17.59 -2.07
N TYR B 64 -0.46 -17.30 -1.13
CA TYR B 64 -1.89 -17.44 -1.40
C TYR B 64 -2.37 -16.53 -2.53
N VAL B 65 -1.77 -15.35 -2.65
CA VAL B 65 -2.06 -14.48 -3.80
C VAL B 65 -1.71 -15.16 -5.13
N ILE B 66 -0.53 -15.75 -5.22
CA ILE B 66 -0.11 -16.50 -6.43
C ILE B 66 -1.10 -17.62 -6.68
N ASP B 67 -1.40 -18.38 -5.64
CA ASP B 67 -2.31 -19.51 -5.75
C ASP B 67 -3.69 -19.07 -6.26
N SER B 68 -4.24 -18.04 -5.62
CA SER B 68 -5.58 -17.58 -5.93
C SER B 68 -5.68 -17.05 -7.37
N ILE B 69 -4.68 -16.28 -7.77
CA ILE B 69 -4.58 -15.70 -9.13
C ILE B 69 -4.47 -16.79 -10.17
N VAL B 70 -3.56 -17.74 -9.95
CA VAL B 70 -3.35 -18.83 -10.88
C VAL B 70 -4.62 -19.68 -10.99
N ARG B 71 -5.17 -20.10 -9.85
CA ARG B 71 -6.37 -20.94 -9.90
C ARG B 71 -7.55 -20.18 -10.54
N GLN B 72 -7.71 -18.91 -10.17
CA GLN B 72 -8.84 -18.13 -10.70
C GLN B 72 -8.67 -17.86 -12.19
N SER B 73 -7.44 -17.66 -12.64
CA SER B 73 -7.16 -17.49 -14.06
C SER B 73 -7.39 -18.76 -14.87
N ARG B 74 -6.92 -19.91 -14.37
CA ARG B 74 -7.17 -21.20 -15.04
C ARG B 74 -8.66 -21.46 -15.09
N HIS B 75 -9.37 -21.04 -14.05
CA HIS B 75 -10.79 -21.22 -13.97
C HIS B 75 -11.51 -20.24 -14.90
N GLN B 76 -11.02 -19.00 -14.94
CA GLN B 76 -11.70 -17.96 -15.70
C GLN B 76 -11.43 -18.04 -17.21
N PHE B 77 -10.19 -18.37 -17.58
CA PHE B 77 -9.80 -18.35 -18.98
C PHE B 77 -9.55 -19.72 -19.60
N GLY B 78 -9.53 -20.77 -18.78
CA GLY B 78 -9.16 -22.09 -19.26
C GLY B 78 -7.72 -22.40 -18.86
N GLN B 79 -7.50 -23.64 -18.44
CA GLN B 79 -6.19 -24.06 -17.94
C GLN B 79 -5.07 -23.84 -18.95
N GLU B 80 -5.35 -24.14 -20.22
CA GLU B 80 -4.34 -24.00 -21.27
C GLU B 80 -4.14 -22.55 -21.72
N LYS B 81 -5.00 -21.66 -21.24
CA LYS B 81 -4.94 -20.24 -21.62
C LYS B 81 -4.29 -19.39 -20.55
N ASP B 82 -4.28 -19.91 -19.33
CA ASP B 82 -3.71 -19.18 -18.22
C ASP B 82 -2.29 -18.73 -18.56
N VAL B 83 -2.04 -17.43 -18.37
CA VAL B 83 -0.72 -16.85 -18.61
C VAL B 83 0.07 -16.62 -17.32
N PHE B 84 -0.61 -16.70 -16.18
CA PHE B 84 0.04 -16.39 -14.92
C PHE B 84 0.97 -17.50 -14.40
N ALA B 85 0.51 -18.75 -14.43
CA ALA B 85 1.37 -19.86 -13.99
C ALA B 85 2.68 -19.91 -14.77
N PRO B 86 2.62 -19.91 -16.11
CA PRO B 86 3.90 -19.86 -16.83
C PRO B 86 4.79 -18.67 -16.46
N ARG B 87 4.22 -17.48 -16.27
CA ARG B 87 5.02 -16.31 -15.94
C ARG B 87 5.61 -16.33 -14.51
N PHE B 88 4.81 -16.69 -13.52
CA PHE B 88 5.32 -16.90 -12.16
C PHE B 88 6.46 -17.95 -12.12
N SER B 89 6.53 -18.84 -13.10
CA SER B 89 7.50 -19.93 -13.05
C SER B 89 8.91 -19.46 -13.41
N ASN B 90 9.00 -18.35 -14.15
CA ASN B 90 10.29 -17.75 -14.50
C ASN B 90 11.20 -17.54 -13.29
N ASN B 91 10.68 -16.83 -12.27
CA ASN B 91 11.49 -16.50 -11.09
C ASN B 91 11.08 -17.30 -9.87
N ILE B 92 10.47 -18.45 -10.08
CA ILE B 92 9.83 -19.16 -8.97
C ILE B 92 10.83 -19.63 -7.90
N ILE B 93 12.06 -19.95 -8.31
CA ILE B 93 13.08 -20.42 -7.37
C ILE B 93 13.37 -19.30 -6.37
N SER B 94 13.69 -18.12 -6.89
CA SER B 94 13.92 -16.93 -6.08
CA SER B 94 13.94 -16.96 -6.04
C SER B 94 12.71 -16.59 -5.21
N THR B 95 11.52 -16.69 -5.81
CA THR B 95 10.25 -16.41 -5.09
C THR B 95 10.13 -17.26 -3.82
N PHE B 96 10.41 -18.56 -3.95
CA PHE B 96 10.30 -19.49 -2.82
C PHE B 96 11.44 -19.39 -1.81
N GLN B 97 12.61 -18.94 -2.28
CA GLN B 97 13.72 -18.59 -1.41
C GLN B 97 13.31 -17.46 -0.46
N ASN B 98 12.56 -16.50 -1.01
CA ASN B 98 11.95 -15.43 -0.21
C ASN B 98 10.80 -15.92 0.64
N LEU B 99 9.93 -16.76 0.08
CA LEU B 99 8.82 -17.35 0.85
C LEU B 99 9.29 -18.13 2.07
N TYR B 100 10.38 -18.88 1.91
CA TYR B 100 10.93 -19.68 3.01
C TYR B 100 11.62 -18.83 4.12
N ARG B 101 11.52 -17.51 4.02
CA ARG B 101 11.96 -16.63 5.09
C ARG B 101 10.80 -16.34 6.02
N CYS B 102 9.78 -17.19 5.93
CA CYS B 102 8.59 -17.10 6.76
C CYS B 102 8.91 -17.58 8.19
N PRO B 103 7.97 -17.38 9.14
CA PRO B 103 8.19 -18.02 10.43
C PRO B 103 8.18 -19.55 10.30
N GLY B 104 9.04 -20.23 11.06
CA GLY B 104 9.17 -21.70 11.04
C GLY B 104 7.87 -22.50 11.02
N ASP B 105 6.84 -21.96 11.67
CA ASP B 105 5.53 -22.57 11.79
C ASP B 105 4.71 -22.45 10.51
N ASP B 106 5.10 -21.53 9.63
CA ASP B 106 4.41 -21.29 8.37
C ASP B 106 4.97 -22.14 7.23
N LYS B 107 6.10 -22.81 7.49
CA LYS B 107 6.78 -23.55 6.43
C LYS B 107 5.91 -24.68 5.89
N SER B 108 5.15 -25.32 6.77
CA SER B 108 4.28 -26.42 6.39
C SER B 108 3.12 -25.97 5.52
N LYS B 109 2.71 -24.70 5.64
CA LYS B 109 1.68 -24.13 4.77
C LYS B 109 2.13 -23.92 3.31
N ILE B 110 3.39 -23.53 3.13
CA ILE B 110 3.98 -23.44 1.80
C ILE B 110 4.00 -24.81 1.10
N VAL B 111 4.49 -25.82 1.81
CA VAL B 111 4.61 -27.19 1.30
C VAL B 111 3.23 -27.76 0.93
N ARG B 112 2.25 -27.50 1.78
CA ARG B 112 0.89 -27.89 1.46
C ARG B 112 0.43 -27.35 0.10
N VAL B 113 0.72 -26.07 -0.16
CA VAL B 113 0.34 -25.44 -1.43
C VAL B 113 1.07 -26.12 -2.59
N LEU B 114 2.36 -26.38 -2.43
CA LEU B 114 3.15 -27.08 -3.46
C LEU B 114 2.63 -28.46 -3.79
N ASN B 115 2.23 -29.19 -2.77
CA ASN B 115 1.66 -30.51 -2.94
C ASN B 115 0.32 -30.47 -3.65
N LEU B 116 -0.49 -29.45 -3.34
CA LEU B 116 -1.78 -29.28 -4.02
C LEU B 116 -1.55 -28.88 -5.48
N TRP B 117 -0.57 -28.02 -5.71
CA TRP B 117 -0.20 -27.60 -7.06
C TRP B 117 0.25 -28.77 -7.92
N GLN B 118 1.01 -29.69 -7.32
CA GLN B 118 1.49 -30.88 -8.03
C GLN B 118 0.35 -31.88 -8.24
N LYS B 119 -0.48 -32.02 -7.21
CA LYS B 119 -1.66 -32.88 -7.25
C LYS B 119 -2.61 -32.46 -8.38
N ASN B 120 -2.90 -31.16 -8.45
CA ASN B 120 -3.86 -30.65 -9.41
C ASN B 120 -3.26 -30.20 -10.74
N ASN B 121 -1.98 -30.50 -10.94
CA ASN B 121 -1.26 -30.16 -12.19
C ASN B 121 -1.25 -28.66 -12.51
N VAL B 122 -1.10 -27.84 -11.47
CA VAL B 122 -0.98 -26.38 -11.63
C VAL B 122 0.42 -25.97 -12.10
N PHE B 123 1.43 -26.78 -11.74
CA PHE B 123 2.81 -26.67 -12.22
C PHE B 123 3.31 -28.11 -12.35
N LYS B 124 4.27 -28.36 -13.24
CA LYS B 124 4.81 -29.71 -13.42
C LYS B 124 5.82 -30.04 -12.30
N SER B 125 6.15 -31.33 -12.17
CA SER B 125 7.07 -31.81 -11.15
C SER B 125 8.51 -31.28 -11.31
N GLU B 126 8.86 -30.86 -12.53
CA GLU B 126 10.16 -30.27 -12.80
C GLU B 126 10.26 -28.95 -12.04
N ILE B 127 9.13 -28.25 -11.95
CA ILE B 127 9.04 -27.00 -11.22
C ILE B 127 8.86 -27.23 -9.71
N ILE B 128 7.94 -28.14 -9.35
CA ILE B 128 7.55 -28.28 -7.95
C ILE B 128 8.60 -28.99 -7.09
N GLN B 129 9.24 -30.01 -7.65
CA GLN B 129 10.14 -30.85 -6.87
C GLN B 129 11.31 -30.09 -6.23
N PRO B 130 12.01 -29.23 -7.00
CA PRO B 130 13.08 -28.41 -6.38
C PRO B 130 12.55 -27.51 -5.26
N LEU B 131 11.31 -27.06 -5.39
CA LEU B 131 10.72 -26.17 -4.39
C LEU B 131 10.46 -26.91 -3.08
N LEU B 132 9.95 -28.15 -3.18
CA LEU B 132 9.84 -29.06 -2.03
C LEU B 132 11.19 -29.42 -1.44
N ASP B 133 12.15 -29.72 -2.32
CA ASP B 133 13.49 -30.09 -1.91
C ASP B 133 14.21 -28.96 -1.14
N MET B 134 13.95 -27.71 -1.54
CA MET B 134 14.45 -26.54 -0.81
C MET B 134 13.92 -26.46 0.62
N ALA B 135 12.65 -26.80 0.82
CA ALA B 135 11.99 -26.78 2.13
C ALA B 135 12.65 -27.77 3.09
N ALA B 136 12.81 -29.02 2.62
CA ALA B 136 13.42 -30.10 3.39
C ALA B 136 14.86 -29.80 3.76
N ALA B 137 15.62 -29.25 2.80
CA ALA B 137 17.04 -28.99 3.03
C ALA B 137 17.26 -27.85 4.04
N LEU B 138 16.22 -27.05 4.28
CA LEU B 138 16.22 -26.08 5.38
C LEU B 138 16.17 -26.76 6.76
N GLU B 139 15.53 -27.93 6.84
CA GLU B 139 15.47 -28.70 8.11
C GLU B 139 16.86 -29.05 8.64
C11 BTN C 1 -7.56 4.20 4.20
O12 BTN C 1 -8.40 4.17 5.14
C10 BTN C 1 -7.66 3.22 3.08
C9 BTN C 1 -9.10 3.04 2.63
C8 BTN C 1 -9.23 1.69 1.93
C7 BTN C 1 -8.13 1.54 0.86
C2 BTN C 1 -7.88 0.08 0.47
S1 BTN C 1 -6.54 0.02 -0.55
C6 BTN C 1 -7.10 -1.59 -1.21
C5 BTN C 1 -8.64 -1.67 -1.11
N1 BTN C 1 -9.24 -1.31 -2.44
C3 BTN C 1 -10.03 -0.20 -2.32
O3 BTN C 1 -10.98 0.32 -3.34
N2 BTN C 1 -9.77 0.39 -1.12
C4 BTN C 1 -9.10 -0.55 -0.21
N TYR C 2 -6.62 5.04 4.18
CA TYR C 2 -6.40 6.08 5.21
C TYR C 2 -7.65 6.87 5.49
N SEP C 3 -7.85 7.13 6.78
CA SEP C 3 -8.91 7.97 7.28
CB SEP C 3 -9.92 7.15 8.07
OG SEP C 3 -10.73 8.01 8.82
C SEP C 3 -8.28 9.01 8.20
O SEP C 3 -7.43 8.67 9.02
P SEP C 3 -12.30 7.90 8.43
O1P SEP C 3 -13.08 8.86 9.45
O2P SEP C 3 -12.56 8.39 6.92
O3P SEP C 3 -12.81 6.38 8.60
N PRO C 4 -8.70 10.28 8.03
CA PRO C 4 -8.20 11.38 8.86
C PRO C 4 -8.68 11.34 10.33
N THR C 5 -9.47 10.32 10.68
CA THR C 5 -9.84 10.11 12.08
C THR C 5 -9.17 8.87 12.67
N SER C 6 -8.33 8.19 11.90
CA SER C 6 -7.72 6.95 12.36
C SER C 6 -6.80 7.22 13.55
N PRO C 7 -6.77 6.30 14.54
CA PRO C 7 -5.90 6.51 15.70
C PRO C 7 -4.42 6.62 15.32
N SER C 8 -3.71 7.51 16.03
CA SER C 8 -2.25 7.61 15.88
C SER C 8 -1.56 6.42 16.55
N TYR C 9 -0.37 6.04 16.07
CA TYR C 9 0.35 4.90 16.67
C TYR C 9 1.09 5.28 17.96
N SEP C 10 1.16 4.35 18.91
CA SEP C 10 1.85 4.57 20.19
CB SEP C 10 0.96 5.36 21.19
OG SEP C 10 0.07 4.51 21.89
C SEP C 10 2.28 3.22 20.75
O SEP C 10 1.85 2.19 20.25
P SEP C 10 -0.63 5.29 23.13
O1P SEP C 10 -1.89 6.11 22.55
O2P SEP C 10 -1.09 4.23 24.26
O3P SEP C 10 0.43 6.31 23.82
N PRO C 11 3.15 3.23 21.80
CA PRO C 11 3.61 1.98 22.41
C PRO C 11 2.53 1.34 23.26
N PRO D 7 -14.73 -16.28 6.23
CA PRO D 7 -13.76 -17.34 6.10
C PRO D 7 -12.38 -16.85 5.65
N SER D 8 -11.33 -17.40 6.27
CA SER D 8 -9.95 -17.18 5.85
C SER D 8 -9.71 -17.89 4.54
N TYR D 9 -8.83 -17.35 3.70
CA TYR D 9 -8.48 -18.00 2.44
C TYR D 9 -7.85 -19.38 2.67
N SEP D 10 -8.30 -20.32 1.84
CA SEP D 10 -7.82 -21.68 1.80
CB SEP D 10 -8.91 -22.62 2.28
OG SEP D 10 -8.58 -23.96 1.98
C SEP D 10 -7.40 -22.07 0.37
O SEP D 10 -8.13 -21.76 -0.59
P SEP D 10 -8.32 -24.81 3.32
O1P SEP D 10 -8.11 -26.34 2.89
O2P SEP D 10 -9.58 -24.68 4.31
O3P SEP D 10 -6.99 -24.22 4.03
N PRO D 11 -6.25 -22.76 0.23
CA PRO D 11 -5.78 -23.20 -1.09
C PRO D 11 -6.66 -24.28 -1.74
N THR D 12 -7.63 -24.80 -0.99
CA THR D 12 -8.63 -25.74 -1.54
C THR D 12 -9.98 -25.07 -1.80
N SER D 13 -10.05 -23.74 -1.68
CA SER D 13 -11.33 -23.03 -1.78
C SER D 13 -11.81 -22.84 -3.22
N PRO D 14 -13.06 -23.25 -3.52
CA PRO D 14 -13.59 -23.07 -4.88
C PRO D 14 -14.04 -21.63 -5.13
C ACT E . -6.55 8.01 0.24
O ACT E . -7.39 8.70 -0.38
OXT ACT E . -5.43 8.06 -0.23
CH3 ACT E . -6.90 7.21 1.46
C1 GOL F . 6.12 -15.07 -20.58
O1 GOL F . 7.44 -15.14 -20.07
C2 GOL F . 5.36 -16.36 -20.28
O2 GOL F . 6.20 -17.30 -19.66
C3 GOL F . 4.16 -16.06 -19.37
O3 GOL F . 2.97 -16.70 -19.79
#